data_8C84
#
_entry.id   8C84
#
_cell.length_a   53.033
_cell.length_b   56.364
_cell.length_c   75.596
_cell.angle_alpha   90.00
_cell.angle_beta   90.00
_cell.angle_gamma   90.00
#
_symmetry.space_group_name_H-M   'P 21 21 21'
#
loop_
_entity.id
_entity.type
_entity.pdbx_description
1 polymer 'MEF2D protein'
2 polymer "DNA (5'-D(P*AP*AP*CP*TP*AP*TP*TP*TP*AP*TP*AP*AP*GP*A)-3')"
3 polymer "DNA (5'-D(P*TP*CP*TP*TP*AP*TP*AP*AP*AP*TP*AP*GP*TP*T)-3')"
4 water water
#
loop_
_entity_poly.entity_id
_entity_poly.type
_entity_poly.pdbx_seq_one_letter_code
_entity_poly.pdbx_strand_id
1 'polypeptide(L)'
;GRKKIQIQRITDERNRQVTFTKRKFGLMKKAYELSVLCDCEIALIIFNHSNKLFQYASTDMDKVLLKYTEYNEPHESRTN
ADIIETLRKKGFN
;
A,B
2 'polydeoxyribonucleotide' (DA)(DA)(DC)(DT)(DA)(DT)(DT)(DT)(DA)(DT)(DA)(DA)(DG)(DA) K
3 'polydeoxyribonucleotide' (DT)(DC)(DT)(DT)(DA)(DT)(DA)(DA)(DA)(DT)(DA)(DG)(DT)(DT) L
#
# COMPACT_ATOMS: atom_id res chain seq x y z
N GLY A 1 3.70 0.33 -19.52
CA GLY A 1 4.21 1.64 -19.92
C GLY A 1 4.85 1.50 -21.32
N ARG A 2 5.29 2.63 -21.88
CA ARG A 2 5.84 2.59 -23.23
C ARG A 2 7.01 1.63 -23.26
N LYS A 3 7.70 1.49 -22.14
CA LYS A 3 8.82 0.55 -22.06
C LYS A 3 8.87 -0.07 -20.66
N LYS A 4 9.44 -1.27 -20.59
CA LYS A 4 9.76 -1.91 -19.33
C LYS A 4 10.96 -1.19 -18.71
N ILE A 5 10.92 -0.99 -17.38
CA ILE A 5 12.01 -0.35 -16.68
C ILE A 5 12.53 -1.33 -15.63
N GLN A 6 13.79 -1.17 -15.24
CA GLN A 6 14.37 -1.98 -14.18
C GLN A 6 13.91 -1.39 -12.84
N ILE A 7 13.68 -2.24 -11.86
CA ILE A 7 13.30 -1.76 -10.53
C ILE A 7 14.58 -1.45 -9.77
N GLN A 8 15.06 -0.20 -9.92
CA GLN A 8 16.28 0.30 -9.31
C GLN A 8 16.07 1.80 -9.05
N ARG A 9 16.82 2.33 -8.09
CA ARG A 9 16.69 3.72 -7.69
C ARG A 9 16.79 4.65 -8.91
N ILE A 10 15.81 5.57 -9.04
CA ILE A 10 15.84 6.64 -10.04
C ILE A 10 16.73 7.76 -9.49
N THR A 11 17.78 8.14 -10.23
CA THR A 11 18.67 9.22 -9.80
C THR A 11 18.19 10.55 -10.41
N ASP A 12 17.46 10.52 -11.53
CA ASP A 12 16.80 11.73 -12.01
C ASP A 12 15.83 12.25 -10.94
N GLU A 13 16.29 13.25 -10.18
CA GLU A 13 15.49 13.93 -9.18
C GLU A 13 14.09 14.24 -9.73
N ARG A 14 14.02 14.70 -10.99
CA ARG A 14 12.74 15.10 -11.55
C ARG A 14 11.89 13.86 -11.85
N ASN A 15 12.51 12.87 -12.53
CA ASN A 15 11.75 11.69 -12.92
C ASN A 15 11.26 10.99 -11.64
N ARG A 16 12.08 11.08 -10.58
CA ARG A 16 11.80 10.41 -9.31
C ARG A 16 10.52 10.96 -8.70
N GLN A 17 10.37 12.30 -8.68
CA GLN A 17 9.21 12.92 -8.04
C GLN A 17 7.95 12.68 -8.88
N VAL A 18 8.10 12.70 -10.21
CA VAL A 18 6.99 12.40 -11.11
C VAL A 18 6.49 10.97 -10.91
N THR A 19 7.45 10.04 -10.93
CA THR A 19 7.16 8.63 -10.71
C THR A 19 6.56 8.45 -9.31
N PHE A 20 7.14 9.14 -8.31
CA PHE A 20 6.66 9.06 -6.93
C PHE A 20 5.19 9.43 -6.88
N THR A 21 4.86 10.64 -7.38
CA THR A 21 3.49 11.11 -7.31
C THR A 21 2.50 10.11 -7.92
N LYS A 22 2.78 9.60 -9.12
CA LYS A 22 1.85 8.76 -9.87
C LYS A 22 1.70 7.38 -9.24
N ARG A 23 2.83 6.76 -8.87
CA ARG A 23 2.81 5.44 -8.28
C ARG A 23 2.26 5.47 -6.85
N LYS A 24 2.49 6.57 -6.11
CA LYS A 24 1.87 6.72 -4.79
C LYS A 24 0.36 6.65 -4.95
N PHE A 25 -0.17 7.42 -5.91
CA PHE A 25 -1.60 7.40 -6.11
C PHE A 25 -2.08 6.01 -6.55
N GLY A 26 -1.33 5.36 -7.45
CA GLY A 26 -1.66 4.01 -7.90
C GLY A 26 -1.72 2.99 -6.77
N LEU A 27 -0.78 3.09 -5.81
CA LEU A 27 -0.74 2.19 -4.68
C LEU A 27 -1.96 2.45 -3.79
N MET A 28 -2.28 3.72 -3.58
CA MET A 28 -3.39 4.05 -2.67
C MET A 28 -4.72 3.64 -3.29
N LYS A 29 -4.86 3.82 -4.62
CA LYS A 29 -6.02 3.34 -5.38
C LYS A 29 -6.20 1.83 -5.27
N LYS A 30 -5.10 1.07 -5.42
CA LYS A 30 -5.20 -0.39 -5.24
C LYS A 30 -5.58 -0.75 -3.79
N ALA A 31 -5.02 -0.03 -2.80
CA ALA A 31 -5.42 -0.23 -1.41
C ALA A 31 -6.93 0.00 -1.20
N TYR A 32 -7.45 1.13 -1.71
CA TYR A 32 -8.88 1.42 -1.72
C TYR A 32 -9.67 0.23 -2.27
N GLU A 33 -9.28 -0.27 -3.45
CA GLU A 33 -9.99 -1.33 -4.14
C GLU A 33 -10.00 -2.61 -3.30
N LEU A 34 -8.83 -3.00 -2.76
CA LEU A 34 -8.76 -4.18 -1.89
C LEU A 34 -9.66 -4.00 -0.66
N SER A 35 -9.66 -2.81 -0.06
CA SER A 35 -10.42 -2.55 1.14
C SER A 35 -11.92 -2.74 0.86
N VAL A 36 -12.39 -2.29 -0.31
CA VAL A 36 -13.80 -2.42 -0.66
C VAL A 36 -14.10 -3.85 -1.08
N LEU A 37 -13.30 -4.40 -2.02
CA LEU A 37 -13.65 -5.72 -2.56
C LEU A 37 -13.70 -6.74 -1.44
N CYS A 38 -12.71 -6.69 -0.53
CA CYS A 38 -12.51 -7.81 0.36
C CYS A 38 -12.84 -7.39 1.79
N ASP A 39 -13.41 -6.18 1.95
CA ASP A 39 -13.92 -5.76 3.24
C ASP A 39 -12.77 -5.72 4.26
N CYS A 40 -11.68 -5.00 3.93
CA CYS A 40 -10.45 -4.98 4.72
C CYS A 40 -10.26 -3.57 5.25
N GLU A 41 -9.41 -3.41 6.28
CA GLU A 41 -8.99 -2.11 6.76
C GLU A 41 -7.48 -2.04 6.50
N ILE A 42 -7.00 -0.98 5.85
CA ILE A 42 -5.63 -0.88 5.37
C ILE A 42 -5.03 0.45 5.78
N ALA A 43 -3.76 0.43 6.25
CA ALA A 43 -3.02 1.65 6.46
C ALA A 43 -1.70 1.57 5.70
N LEU A 44 -1.29 2.70 5.12
CA LEU A 44 -0.02 2.83 4.41
C LEU A 44 0.74 4.02 4.99
N ILE A 45 2.01 3.79 5.38
CA ILE A 45 2.86 4.89 5.80
C ILE A 45 4.06 4.97 4.86
N ILE A 46 4.31 6.16 4.28
CA ILE A 46 5.42 6.29 3.36
C ILE A 46 6.28 7.47 3.83
N PHE A 47 7.59 7.25 3.98
CA PHE A 47 8.55 8.35 4.04
C PHE A 47 9.32 8.38 2.72
N ASN A 48 9.26 9.51 1.99
CA ASN A 48 9.94 9.62 0.71
C ASN A 48 11.43 9.84 0.95
N HIS A 49 12.15 10.18 -0.12
CA HIS A 49 13.60 10.38 -0.09
C HIS A 49 13.97 11.54 0.83
N SER A 50 13.05 12.50 1.02
CA SER A 50 13.28 13.66 1.88
C SER A 50 12.75 13.44 3.30
N ASN A 51 12.36 12.22 3.62
CA ASN A 51 11.83 11.87 4.98
C ASN A 51 10.53 12.63 5.23
N LYS A 52 9.86 13.01 4.16
CA LYS A 52 8.53 13.65 4.29
C LYS A 52 7.50 12.52 4.40
N LEU A 53 6.47 12.74 5.21
CA LEU A 53 5.50 11.66 5.47
C LEU A 53 4.24 11.77 4.60
N PHE A 54 3.78 10.64 4.10
CA PHE A 54 2.51 10.57 3.34
C PHE A 54 1.77 9.35 3.89
N GLN A 55 0.50 9.50 4.27
CA GLN A 55 -0.18 8.33 4.80
C GLN A 55 -1.53 8.16 4.13
N TYR A 56 -2.01 6.90 4.13
CA TYR A 56 -3.35 6.53 3.76
C TYR A 56 -3.90 5.55 4.79
N ALA A 57 -5.20 5.61 5.06
CA ALA A 57 -5.85 4.53 5.80
C ALA A 57 -7.28 4.45 5.28
N SER A 58 -7.82 3.23 5.23
CA SER A 58 -9.14 3.07 4.61
C SER A 58 -10.13 3.96 5.34
N THR A 59 -10.08 3.94 6.69
CA THR A 59 -10.97 4.76 7.51
C THR A 59 -10.20 5.58 8.55
N ASP A 60 -9.44 4.93 9.44
CA ASP A 60 -8.87 5.63 10.59
C ASP A 60 -7.49 5.05 10.94
N MET A 61 -6.45 5.85 10.71
CA MET A 61 -5.09 5.42 11.01
C MET A 61 -4.95 5.10 12.50
N ASP A 62 -5.51 5.95 13.38
CA ASP A 62 -5.42 5.77 14.82
C ASP A 62 -5.86 4.37 15.22
N LYS A 63 -7.03 3.97 14.72
CA LYS A 63 -7.60 2.66 15.01
C LYS A 63 -6.68 1.52 14.57
N VAL A 64 -6.22 1.57 13.31
CA VAL A 64 -5.41 0.51 12.75
C VAL A 64 -4.17 0.35 13.63
N LEU A 65 -3.51 1.47 13.94
CA LEU A 65 -2.25 1.39 14.68
C LEU A 65 -2.51 0.84 16.09
N LEU A 66 -3.62 1.23 16.70
CA LEU A 66 -3.94 0.73 18.04
C LEU A 66 -4.12 -0.80 17.98
N LYS A 67 -4.91 -1.26 17.01
CA LYS A 67 -5.17 -2.68 16.85
C LYS A 67 -3.87 -3.43 16.50
N TYR A 68 -2.98 -2.79 15.75
CA TYR A 68 -1.73 -3.46 15.41
C TYR A 68 -0.93 -3.77 16.68
N THR A 69 -0.82 -2.78 17.58
CA THR A 69 -0.05 -2.92 18.82
C THR A 69 -0.62 -4.05 19.69
N GLU A 70 -1.95 -4.27 19.62
CA GLU A 70 -2.65 -5.28 20.41
C GLU A 70 -2.43 -6.68 19.85
N TYR A 71 -2.05 -6.81 18.57
CA TYR A 71 -2.10 -8.09 17.88
C TYR A 71 -1.05 -9.07 18.44
N ASN A 72 -1.52 -10.27 18.79
CA ASN A 72 -0.71 -11.19 19.58
C ASN A 72 -0.31 -12.41 18.76
N GLU A 73 -1.16 -12.82 17.81
CA GLU A 73 -1.00 -14.07 17.09
C GLU A 73 0.13 -13.97 16.06
N PRO A 74 0.68 -15.11 15.59
CA PRO A 74 1.63 -15.08 14.47
C PRO A 74 0.86 -14.64 13.21
N HIS A 75 1.55 -13.93 12.30
CA HIS A 75 0.91 -13.40 11.12
C HIS A 75 1.95 -13.21 10.03
N GLU A 76 1.49 -13.00 8.80
CA GLU A 76 2.41 -12.81 7.69
C GLU A 76 3.12 -11.47 7.86
N SER A 77 4.42 -11.45 7.58
CA SER A 77 5.23 -10.26 7.60
C SER A 77 6.21 -10.36 6.41
N ARG A 78 6.08 -9.44 5.44
CA ARG A 78 6.91 -9.47 4.23
C ARG A 78 7.75 -8.20 4.20
N THR A 79 8.87 -8.28 3.49
CA THR A 79 9.76 -7.16 3.25
C THR A 79 10.12 -7.14 1.76
N ASN A 80 10.82 -6.08 1.31
CA ASN A 80 11.31 -6.04 -0.06
C ASN A 80 12.00 -7.34 -0.48
N ALA A 81 12.87 -7.87 0.38
CA ALA A 81 13.68 -9.04 0.02
C ALA A 81 12.77 -10.25 -0.23
N ASP A 82 11.66 -10.37 0.54
CA ASP A 82 10.69 -11.45 0.33
C ASP A 82 10.03 -11.33 -1.03
N ILE A 83 9.65 -10.11 -1.41
CA ILE A 83 8.96 -9.88 -2.67
C ILE A 83 9.95 -10.21 -3.81
N ILE A 84 11.20 -9.75 -3.69
CA ILE A 84 12.19 -10.03 -4.73
C ILE A 84 12.31 -11.55 -4.92
N GLU A 85 12.34 -12.29 -3.81
CA GLU A 85 12.43 -13.74 -3.84
C GLU A 85 11.21 -14.34 -4.54
N THR A 86 9.99 -13.91 -4.17
CA THR A 86 8.80 -14.42 -4.85
C THR A 86 8.93 -14.21 -6.37
N LEU A 87 9.46 -13.05 -6.74
CA LEU A 87 9.57 -12.69 -8.18
C LEU A 87 10.66 -13.49 -8.90
N ARG A 88 11.59 -14.09 -8.16
CA ARG A 88 12.60 -14.94 -8.81
C ARG A 88 11.86 -16.08 -9.51
N LYS A 89 10.74 -16.50 -8.91
CA LYS A 89 9.89 -17.58 -9.48
C LYS A 89 8.98 -16.97 -10.54
N LYS A 90 9.54 -16.52 -11.65
CA LYS A 90 8.77 -15.88 -12.76
C LYS A 90 9.74 -15.08 -13.64
N GLY B 1 -8.51 -8.37 -16.34
CA GLY B 1 -8.80 -9.82 -16.14
C GLY B 1 -9.82 -10.31 -17.17
N ARG B 2 -10.12 -11.60 -17.14
CA ARG B 2 -11.06 -12.22 -18.11
C ARG B 2 -12.34 -11.38 -18.18
N LYS B 3 -12.70 -10.70 -17.08
CA LYS B 3 -13.89 -9.82 -17.14
C LYS B 3 -13.71 -8.53 -16.32
N LYS B 4 -14.44 -7.49 -16.66
CA LYS B 4 -14.40 -6.22 -15.91
C LYS B 4 -15.27 -6.36 -14.66
N ILE B 5 -14.71 -5.99 -13.52
CA ILE B 5 -15.48 -6.06 -12.27
C ILE B 5 -15.69 -4.66 -11.70
N GLN B 6 -16.77 -4.46 -10.93
CA GLN B 6 -17.02 -3.18 -10.27
C GLN B 6 -16.34 -3.22 -8.92
N ILE B 7 -15.98 -2.05 -8.37
CA ILE B 7 -15.38 -2.04 -7.06
C ILE B 7 -16.49 -1.99 -6.03
N GLN B 8 -16.85 -3.18 -5.53
CA GLN B 8 -17.83 -3.34 -4.47
C GLN B 8 -17.54 -4.65 -3.73
N ARG B 9 -18.05 -4.78 -2.50
CA ARG B 9 -17.72 -5.96 -1.71
C ARG B 9 -18.07 -7.25 -2.45
N ILE B 10 -17.13 -8.19 -2.42
CA ILE B 10 -17.42 -9.50 -2.99
C ILE B 10 -18.21 -10.31 -1.94
N THR B 11 -19.37 -10.86 -2.35
CA THR B 11 -20.27 -11.56 -1.43
C THR B 11 -19.93 -13.05 -1.30
N ASP B 12 -19.42 -13.68 -2.37
CA ASP B 12 -18.99 -15.08 -2.30
C ASP B 12 -17.66 -15.19 -1.54
N GLU B 13 -17.67 -15.94 -0.42
CA GLU B 13 -16.54 -16.01 0.49
C GLU B 13 -15.31 -16.60 -0.20
N ARG B 14 -15.53 -17.63 -1.01
CA ARG B 14 -14.43 -18.28 -1.69
C ARG B 14 -13.76 -17.25 -2.60
N ASN B 15 -14.57 -16.55 -3.41
CA ASN B 15 -14.05 -15.54 -4.33
C ASN B 15 -13.29 -14.45 -3.57
N ARG B 16 -13.89 -13.97 -2.48
CA ARG B 16 -13.30 -12.92 -1.68
C ARG B 16 -11.92 -13.32 -1.18
N GLN B 17 -11.77 -14.57 -0.73
CA GLN B 17 -10.49 -15.06 -0.21
C GLN B 17 -9.44 -15.14 -1.33
N VAL B 18 -9.80 -15.70 -2.48
CA VAL B 18 -8.88 -15.83 -3.59
C VAL B 18 -8.43 -14.44 -4.05
N THR B 19 -9.39 -13.50 -4.15
CA THR B 19 -9.09 -12.16 -4.62
C THR B 19 -8.18 -11.46 -3.61
N PHE B 20 -8.47 -11.64 -2.32
CA PHE B 20 -7.68 -11.04 -1.27
C PHE B 20 -6.22 -11.47 -1.39
N THR B 21 -5.98 -12.78 -1.54
CA THR B 21 -4.63 -13.33 -1.64
C THR B 21 -3.86 -12.71 -2.82
N LYS B 22 -4.49 -12.67 -3.99
CA LYS B 22 -3.85 -12.17 -5.21
C LYS B 22 -3.59 -10.67 -5.11
N ARG B 23 -4.60 -9.90 -4.68
CA ARG B 23 -4.50 -8.45 -4.68
C ARG B 23 -3.57 -7.98 -3.56
N LYS B 24 -3.53 -8.70 -2.44
CA LYS B 24 -2.59 -8.38 -1.37
C LYS B 24 -1.16 -8.45 -1.93
N PHE B 25 -0.83 -9.57 -2.62
CA PHE B 25 0.49 -9.69 -3.23
C PHE B 25 0.79 -8.53 -4.17
N GLY B 26 -0.18 -8.20 -5.04
CA GLY B 26 -0.01 -7.12 -6.00
C GLY B 26 0.24 -5.77 -5.34
N LEU B 27 -0.35 -5.57 -4.15
CA LEU B 27 -0.19 -4.30 -3.47
C LEU B 27 1.22 -4.22 -2.90
N MET B 28 1.66 -5.35 -2.32
CA MET B 28 2.99 -5.39 -1.73
C MET B 28 4.03 -5.21 -2.84
N LYS B 29 3.76 -5.82 -4.00
CA LYS B 29 4.66 -5.69 -5.15
C LYS B 29 4.77 -4.22 -5.59
N LYS B 30 3.64 -3.54 -5.70
CA LYS B 30 3.68 -2.11 -6.02
C LYS B 30 4.40 -1.29 -4.94
N ALA B 31 4.20 -1.64 -3.64
CA ALA B 31 4.93 -0.94 -2.57
C ALA B 31 6.43 -1.18 -2.73
N TYR B 32 6.80 -2.45 -2.96
CA TYR B 32 8.19 -2.80 -3.25
C TYR B 32 8.76 -1.92 -4.38
N GLU B 33 8.05 -1.84 -5.52
CA GLU B 33 8.59 -1.06 -6.65
C GLU B 33 8.72 0.44 -6.31
N LEU B 34 7.70 1.03 -5.64
CA LEU B 34 7.79 2.43 -5.24
C LEU B 34 8.95 2.68 -4.27
N SER B 35 9.14 1.79 -3.29
CA SER B 35 10.20 1.96 -2.31
C SER B 35 11.56 1.99 -3.01
N VAL B 36 11.78 1.05 -3.94
CA VAL B 36 13.08 0.99 -4.62
C VAL B 36 13.26 2.14 -5.61
N LEU B 37 12.28 2.35 -6.49
CA LEU B 37 12.40 3.40 -7.51
C LEU B 37 12.62 4.78 -6.90
N CYS B 38 11.86 5.11 -5.85
CA CYS B 38 11.78 6.48 -5.35
C CYS B 38 12.48 6.63 -3.99
N ASP B 39 13.19 5.60 -3.52
CA ASP B 39 13.92 5.64 -2.25
C ASP B 39 12.94 5.94 -1.12
N CYS B 40 11.84 5.17 -1.06
CA CYS B 40 10.85 5.38 0.00
C CYS B 40 10.96 4.28 1.05
N GLU B 41 10.65 4.60 2.31
CA GLU B 41 10.44 3.60 3.36
C GLU B 41 8.93 3.47 3.51
N ILE B 42 8.41 2.24 3.44
CA ILE B 42 6.96 2.03 3.39
C ILE B 42 6.58 0.97 4.41
N ALA B 43 5.48 1.21 5.14
CA ALA B 43 4.84 0.18 5.94
C ALA B 43 3.40 0.02 5.44
N LEU B 44 2.93 -1.23 5.38
CA LEU B 44 1.55 -1.50 5.02
C LEU B 44 0.98 -2.46 6.06
N ILE B 45 -0.15 -2.08 6.64
CA ILE B 45 -0.82 -2.92 7.62
C ILE B 45 -2.20 -3.25 7.09
N ILE B 46 -2.52 -4.55 7.04
CA ILE B 46 -3.82 -4.93 6.53
C ILE B 46 -4.48 -5.83 7.57
N PHE B 47 -5.70 -5.48 7.95
CA PHE B 47 -6.55 -6.45 8.64
C PHE B 47 -7.62 -6.91 7.64
N ASN B 48 -7.80 -8.22 7.47
CA ASN B 48 -8.81 -8.73 6.54
C ASN B 48 -10.20 -8.65 7.19
N HIS B 49 -11.21 -9.23 6.54
CA HIS B 49 -12.59 -9.07 6.98
C HIS B 49 -12.77 -9.76 8.33
N SER B 50 -11.89 -10.71 8.68
CA SER B 50 -11.97 -11.37 9.97
C SER B 50 -10.99 -10.77 10.98
N ASN B 51 -10.35 -9.64 10.66
CA ASN B 51 -9.36 -8.96 11.48
C ASN B 51 -8.11 -9.81 11.73
N LYS B 52 -7.76 -10.70 10.81
CA LYS B 52 -6.45 -11.32 10.80
C LYS B 52 -5.45 -10.27 10.28
N LEU B 53 -4.24 -10.20 10.83
CA LEU B 53 -3.27 -9.18 10.46
C LEU B 53 -2.30 -9.72 9.40
N PHE B 54 -2.01 -8.87 8.43
CA PHE B 54 -1.04 -9.17 7.35
C PHE B 54 -0.22 -7.89 7.19
N GLN B 55 1.11 -7.99 7.17
CA GLN B 55 1.91 -6.76 7.14
C GLN B 55 3.06 -6.81 6.15
N TYR B 56 3.51 -5.62 5.74
CA TYR B 56 4.69 -5.51 4.85
C TYR B 56 5.45 -4.24 5.25
N ALA B 57 6.77 -4.30 5.16
CA ALA B 57 7.61 -3.13 5.40
C ALA B 57 8.81 -3.23 4.47
N SER B 58 9.08 -2.17 3.72
CA SER B 58 10.18 -2.19 2.75
C SER B 58 11.40 -2.82 3.41
N THR B 59 11.72 -2.37 4.61
CA THR B 59 12.92 -2.83 5.29
C THR B 59 12.59 -3.25 6.72
N ASP B 60 11.99 -2.35 7.51
CA ASP B 60 11.91 -2.53 8.95
C ASP B 60 10.69 -1.81 9.50
N MET B 61 9.68 -2.60 9.85
CA MET B 61 8.41 -2.04 10.29
C MET B 61 8.58 -1.16 11.54
N ASP B 62 9.34 -1.62 12.54
CA ASP B 62 9.48 -0.88 13.79
C ASP B 62 10.06 0.51 13.53
N LYS B 63 11.06 0.56 12.64
CA LYS B 63 11.70 1.78 12.23
C LYS B 63 10.69 2.80 11.67
N VAL B 64 9.80 2.36 10.77
CA VAL B 64 8.82 3.24 10.14
C VAL B 64 7.81 3.74 11.17
N LEU B 65 7.22 2.83 11.96
CA LEU B 65 6.23 3.21 12.97
C LEU B 65 6.82 4.24 13.94
N LEU B 66 8.08 4.05 14.34
CA LEU B 66 8.71 4.98 15.26
C LEU B 66 8.90 6.34 14.61
N LYS B 67 9.37 6.36 13.35
CA LYS B 67 9.48 7.60 12.61
C LYS B 67 8.12 8.30 12.57
N TYR B 68 7.05 7.50 12.40
CA TYR B 68 5.72 8.06 12.28
C TYR B 68 5.37 8.77 13.59
N THR B 69 5.67 8.10 14.72
CA THR B 69 5.25 8.67 16.00
C THR B 69 6.00 9.98 16.23
N GLU B 70 7.23 10.08 15.69
CA GLU B 70 8.07 11.24 15.97
C GLU B 70 7.72 12.39 15.04
N TYR B 71 6.91 12.14 14.00
CA TYR B 71 6.64 13.18 12.98
C TYR B 71 5.80 14.31 13.57
N ASN B 72 6.32 15.53 13.51
CA ASN B 72 5.62 16.69 14.12
C ASN B 72 5.43 17.80 13.08
N GLU B 73 5.01 17.45 11.87
CA GLU B 73 4.71 18.47 10.83
C GLU B 73 3.43 18.06 10.12
N PRO B 74 2.64 19.01 9.59
CA PRO B 74 1.46 18.66 8.82
C PRO B 74 1.87 17.83 7.59
N HIS B 75 1.04 16.88 7.17
CA HIS B 75 1.45 16.01 6.07
C HIS B 75 0.21 15.54 5.31
N GLU B 76 0.43 14.98 4.10
CA GLU B 76 -0.65 14.46 3.29
C GLU B 76 -1.25 13.25 3.99
N SER B 77 -2.58 13.25 4.19
CA SER B 77 -3.30 12.16 4.83
C SER B 77 -4.56 11.88 4.02
N ARG B 78 -4.67 10.64 3.55
CA ARG B 78 -5.69 10.23 2.60
C ARG B 78 -6.53 9.12 3.22
N THR B 79 -7.78 9.05 2.79
CA THR B 79 -8.71 8.01 3.16
C THR B 79 -9.35 7.53 1.86
N ASN B 80 -10.18 6.47 1.96
CA ASN B 80 -10.93 6.01 0.80
C ASN B 80 -11.76 7.16 0.21
N ALA B 81 -12.33 8.01 1.08
CA ALA B 81 -13.12 9.15 0.62
C ALA B 81 -12.28 10.05 -0.28
N ASP B 82 -11.03 10.30 0.11
CA ASP B 82 -10.13 11.17 -0.64
C ASP B 82 -9.76 10.55 -1.99
N ILE B 83 -9.56 9.22 -2.03
CA ILE B 83 -9.25 8.51 -3.26
C ILE B 83 -10.45 8.63 -4.21
N ILE B 84 -11.66 8.44 -3.68
CA ILE B 84 -12.86 8.51 -4.49
C ILE B 84 -13.02 9.95 -4.99
N GLU B 85 -12.73 10.93 -4.13
CA GLU B 85 -12.79 12.34 -4.53
C GLU B 85 -11.80 12.63 -5.65
N THR B 86 -10.60 12.03 -5.57
CA THR B 86 -9.65 12.21 -6.65
C THR B 86 -10.20 11.61 -7.95
N LEU B 87 -10.90 10.48 -7.85
CA LEU B 87 -11.40 9.79 -9.03
C LEU B 87 -12.56 10.56 -9.68
N ARG B 88 -13.39 11.22 -8.86
CA ARG B 88 -14.50 12.05 -9.34
C ARG B 88 -13.96 13.27 -10.09
N LYS B 89 -12.78 13.77 -9.68
CA LYS B 89 -12.30 15.06 -10.14
C LYS B 89 -11.38 14.86 -11.35
N LYS B 90 -10.73 13.70 -11.38
CA LYS B 90 -9.69 13.37 -12.35
C LYS B 90 -10.31 13.02 -13.70
N GLY B 91 -9.53 13.15 -14.78
CA GLY B 91 -9.96 12.78 -16.12
C GLY B 91 -9.92 11.26 -16.32
N PHE B 92 -10.33 10.78 -17.51
CA PHE B 92 -10.29 9.35 -17.78
C PHE B 92 -8.85 8.89 -18.05
N ASN B 93 -7.97 9.86 -18.35
CA ASN B 93 -6.56 9.66 -18.69
C ASN B 93 -6.44 9.16 -20.12
#